data_7SEN
#
_entry.id   7SEN
#
_cell.length_a   90.174
_cell.length_b   59.811
_cell.length_c   73.043
_cell.angle_alpha   90.000
_cell.angle_beta   96.090
_cell.angle_gamma   90.000
#
_symmetry.space_group_name_H-M   'C 1 2 1'
#
loop_
_entity.id
_entity.type
_entity.pdbx_description
1 polymer '5c8* Fab heavy chain'
2 polymer '5c8* Fab light chain'
3 water water
#
loop_
_entity_poly.entity_id
_entity_poly.type
_entity_poly.pdbx_seq_one_letter_code
_entity_poly.pdbx_strand_id
1 'polypeptide(L)'
;(PCA)VQLVQSGAEVVKPGASVKLSCKASGYIFTSYYMYWVKQAPGQGLELIGEINPSNGDTNFNEKFKSKATLTVDKSA
STAYMELSSLRSEDTAVYYCTRSDGRNDMDSWGQGTLVTVSSASTKGPSVFPLAPSSKSTSGGTAALGCLVKDYFPEPVT
VSWNSGALTSGVHTFPAVLQSSGLYSLSSVVTVPSSSLGTQTYICNVNHKPSNTKVDKKVEPKSCDKTHT
;
H
2 'polypeptide(L)'
;DIVLTQSPATLSVSPGERATISCRASQRVSSSTYSYMHWYQQKPGQPPKLLIKYASNLESGVPARFSGSGSGTDFTLTIS
SVEPEDFATYYCQHSWE(DV7)PPTFGGGTKLEIKRTVAAPSVFIFPPSDEQLKSGTASVVCLLNNFYPREAKVQWKVDN
ALQSGNSQESVTEQDSKDSTYSLSSTLTLSKADYEKHKVYACEVTHQGLSSPVTKSFNRGEC
;
L
#
# COMPACT_ATOMS: atom_id res chain seq x y z
N PCA A 1 3.76 12.60 21.40
CA PCA A 1 3.06 11.71 20.46
CB PCA A 1 3.97 11.68 19.22
CG PCA A 1 5.33 12.09 19.78
CD PCA A 1 4.97 12.95 20.98
OE PCA A 1 5.69 13.83 21.46
C PCA A 1 2.82 10.28 20.88
O PCA A 1 3.73 9.62 21.37
N VAL A 2 1.60 9.80 20.68
CA VAL A 2 1.22 8.39 20.84
C VAL A 2 1.76 7.48 19.70
N GLN A 3 2.31 6.31 19.99
CA GLN A 3 2.85 5.44 18.95
C GLN A 3 2.78 3.98 19.26
N LEU A 4 2.26 3.22 18.29
CA LEU A 4 2.30 1.75 18.30
C LEU A 4 3.17 1.23 17.16
N VAL A 5 4.20 0.47 17.50
CA VAL A 5 5.17 -0.03 16.55
C VAL A 5 5.19 -1.55 16.59
N GLN A 6 4.82 -2.14 15.46
CA GLN A 6 4.71 -3.57 15.33
C GLN A 6 5.93 -4.24 14.81
N SER A 7 6.11 -5.49 15.16
CA SER A 7 7.20 -6.28 14.61
C SER A 7 7.07 -6.49 13.08
N GLY A 8 8.21 -6.81 12.48
CA GLY A 8 8.32 -6.97 11.04
C GLY A 8 7.51 -8.09 10.42
N ALA A 9 7.23 -7.91 9.12
CA ALA A 9 6.73 -8.98 8.25
C ALA A 9 7.51 -10.30 8.39
N GLU A 10 6.79 -11.39 8.25
CA GLU A 10 7.35 -12.72 8.40
C GLU A 10 6.67 -13.75 7.52
N VAL A 11 7.44 -14.71 7.03
CA VAL A 11 6.89 -15.94 6.44
C VAL A 11 6.81 -16.96 7.58
N VAL A 12 5.71 -17.69 7.61
CA VAL A 12 5.53 -18.79 8.55
C VAL A 12 5.22 -20.06 7.74
N LYS A 13 5.89 -21.16 8.11
CA LYS A 13 5.59 -22.47 7.52
C LYS A 13 4.18 -22.95 7.98
N PRO A 14 3.41 -23.62 7.11
CA PRO A 14 2.12 -24.18 7.45
C PRO A 14 2.16 -25.05 8.68
N GLY A 15 1.23 -24.83 9.59
CA GLY A 15 1.19 -25.61 10.80
C GLY A 15 2.13 -25.14 11.87
N ALA A 16 2.89 -24.06 11.63
CA ALA A 16 3.77 -23.51 12.62
C ALA A 16 3.02 -22.41 13.37
N SER A 17 3.70 -21.82 14.36
CA SER A 17 3.21 -20.68 15.14
C SER A 17 3.96 -19.41 14.92
N VAL A 18 3.35 -18.29 15.27
CA VAL A 18 4.09 -17.04 15.15
C VAL A 18 3.61 -16.09 16.23
N LYS A 19 4.56 -15.34 16.77
CA LYS A 19 4.27 -14.40 17.83
C LYS A 19 4.55 -12.98 17.39
N LEU A 20 3.49 -12.20 17.26
CA LEU A 20 3.58 -10.80 16.82
C LEU A 20 3.70 -9.92 18.04
N SER A 21 4.42 -8.82 17.93
CA SER A 21 4.54 -7.83 19.02
C SER A 21 4.17 -6.41 18.62
N CYS A 22 3.77 -5.64 19.61
CA CYS A 22 3.30 -4.29 19.42
C CYS A 22 3.82 -3.49 20.62
N LYS A 23 4.79 -2.60 20.36
CA LYS A 23 5.43 -1.78 21.34
C LYS A 23 4.69 -0.41 21.38
N ALA A 24 4.19 -0.05 22.56
CA ALA A 24 3.48 1.24 22.79
C ALA A 24 4.36 2.28 23.44
N SER A 25 4.20 3.52 23.01
CA SER A 25 4.92 4.61 23.63
C SER A 25 4.20 5.97 23.53
N GLY A 26 4.62 6.89 24.40
CA GLY A 26 4.06 8.24 24.51
C GLY A 26 2.80 8.32 25.32
N TYR A 27 2.47 7.25 26.03
CA TYR A 27 1.39 7.21 27.02
C TYR A 27 1.58 6.07 28.00
N ILE A 28 0.72 6.02 29.01
CA ILE A 28 0.80 4.94 30.00
C ILE A 28 0.08 3.68 29.44
N PHE A 29 0.89 2.67 29.13
CA PHE A 29 0.48 1.45 28.48
C PHE A 29 -0.76 0.77 29.11
N THR A 30 -0.83 0.70 30.44
CA THR A 30 -1.95 0.04 31.13
C THR A 30 -3.24 0.88 31.23
N SER A 31 -3.22 2.11 30.78
CA SER A 31 -4.42 2.92 30.74
C SER A 31 -5.32 2.72 29.53
N TYR A 32 -4.96 1.88 28.55
CA TYR A 32 -5.80 1.70 27.37
C TYR A 32 -5.92 0.23 26.98
N TYR A 33 -7.07 -0.13 26.43
CA TYR A 33 -7.32 -1.47 25.96
C TYR A 33 -6.53 -1.57 24.69
N MET A 34 -6.11 -2.77 24.35
CA MET A 34 -5.44 -3.02 23.12
C MET A 34 -6.26 -4.06 22.35
N TYR A 35 -6.57 -3.76 21.09
CA TYR A 35 -7.24 -4.70 20.19
C TYR A 35 -6.23 -5.20 19.15
N TRP A 36 -6.47 -6.43 18.67
CA TRP A 36 -5.84 -6.96 17.47
C TRP A 36 -6.90 -7.15 16.41
N VAL A 37 -6.52 -6.80 15.19
CA VAL A 37 -7.41 -6.69 14.04
C VAL A 37 -6.69 -7.32 12.83
N LYS A 38 -7.44 -8.04 12.02
CA LYS A 38 -6.93 -8.81 10.89
C LYS A 38 -7.44 -8.25 9.60
N GLN A 39 -6.57 -8.04 8.63
CA GLN A 39 -7.04 -7.59 7.34
C GLN A 39 -6.50 -8.49 6.29
N ALA A 40 -7.39 -9.26 5.68
CA ALA A 40 -6.95 -10.21 4.66
C ALA A 40 -6.55 -9.39 3.43
N PRO A 41 -5.62 -9.94 2.61
CA PRO A 41 -5.19 -9.13 1.47
C PRO A 41 -6.37 -8.77 0.53
N GLY A 42 -6.33 -7.52 0.07
CA GLY A 42 -7.38 -6.92 -0.76
C GLY A 42 -8.75 -7.07 -0.14
N GLN A 43 -8.83 -7.01 1.20
CA GLN A 43 -10.06 -7.36 1.98
C GLN A 43 -10.41 -6.30 3.07
N GLY A 44 -11.54 -6.48 3.79
CA GLY A 44 -11.86 -5.66 4.97
C GLY A 44 -11.44 -6.20 6.36
N LEU A 45 -12.02 -5.64 7.43
CA LEU A 45 -11.45 -5.72 8.77
C LEU A 45 -12.22 -6.65 9.71
N GLU A 46 -11.49 -7.44 10.48
CA GLU A 46 -12.08 -8.42 11.38
C GLU A 46 -11.39 -8.26 12.72
N LEU A 47 -12.17 -8.25 13.79
CA LEU A 47 -11.60 -8.14 15.10
C LEU A 47 -11.23 -9.51 15.59
N ILE A 48 -9.97 -9.64 15.99
CA ILE A 48 -9.47 -10.84 16.60
C ILE A 48 -9.85 -10.85 18.09
N GLY A 49 -9.57 -9.77 18.79
CA GLY A 49 -9.84 -9.75 20.21
C GLY A 49 -9.23 -8.58 20.91
N GLU A 50 -9.52 -8.51 22.21
CA GLU A 50 -9.22 -7.38 23.07
C GLU A 50 -8.46 -7.86 24.30
N ILE A 51 -7.40 -7.16 24.69
CA ILE A 51 -6.82 -7.38 26.00
C ILE A 51 -6.78 -6.11 26.86
N ASN A 52 -7.17 -6.27 28.12
CA ASN A 52 -7.01 -5.21 29.10
C ASN A 52 -5.61 -5.37 29.71
N PRO A 53 -4.69 -4.45 29.41
CA PRO A 53 -3.34 -4.62 29.94
C PRO A 53 -3.13 -4.38 31.43
N SER A 54 -4.11 -3.80 32.14
CA SER A 54 -4.03 -3.64 33.60
C SER A 54 -4.24 -4.97 34.27
N ASN A 55 -5.32 -5.67 33.90
CA ASN A 55 -5.76 -6.90 34.59
C ASN A 55 -5.79 -8.20 33.75
N GLY A 56 -5.33 -8.12 32.50
CA GLY A 56 -5.15 -9.27 31.66
C GLY A 56 -6.43 -9.84 31.09
N ASP A 57 -7.60 -9.31 31.48
CA ASP A 57 -8.89 -9.76 30.93
C ASP A 57 -8.82 -9.66 29.42
N THR A 58 -9.12 -10.78 28.75
CA THR A 58 -9.23 -10.85 27.30
C THR A 58 -10.65 -11.10 26.88
N ASN A 59 -10.94 -10.79 25.62
CA ASN A 59 -12.23 -11.09 25.02
C ASN A 59 -11.99 -11.28 23.55
N PHE A 60 -12.33 -12.47 23.07
CA PHE A 60 -12.05 -12.92 21.74
C PHE A 60 -13.30 -12.89 20.89
N ASN A 61 -13.17 -12.49 19.63
CA ASN A 61 -14.17 -12.81 18.63
C ASN A 61 -14.16 -14.32 18.56
N GLU A 62 -15.32 -14.94 18.77
CA GLU A 62 -15.43 -16.42 18.89
C GLU A 62 -14.67 -17.13 17.78
N LYS A 63 -14.80 -16.60 16.55
CA LYS A 63 -14.12 -17.13 15.35
C LYS A 63 -12.63 -17.35 15.52
N PHE A 64 -11.97 -16.62 16.43
CA PHE A 64 -10.50 -16.68 16.62
C PHE A 64 -10.06 -17.21 17.99
N LYS A 65 -10.98 -17.70 18.80
CA LYS A 65 -10.61 -18.03 20.17
C LYS A 65 -9.73 -19.28 20.29
N SER A 66 -9.62 -20.08 19.23
CA SER A 66 -8.69 -21.22 19.14
C SER A 66 -7.38 -20.91 18.36
N LYS A 67 -7.25 -19.68 17.86
CA LYS A 67 -6.19 -19.24 16.95
C LYS A 67 -5.19 -18.28 17.57
N ALA A 68 -5.66 -17.48 18.53
CA ALA A 68 -4.96 -16.30 18.98
C ALA A 68 -4.85 -16.38 20.48
N THR A 69 -3.69 -16.04 21.01
CA THR A 69 -3.45 -15.84 22.44
C THR A 69 -2.91 -14.45 22.60
N LEU A 70 -3.58 -13.66 23.42
CA LEU A 70 -3.17 -12.32 23.71
C LEU A 70 -2.48 -12.26 25.05
N THR A 71 -1.28 -11.67 25.06
CA THR A 71 -0.56 -11.36 26.33
C THR A 71 0.01 -9.96 26.29
N VAL A 72 0.53 -9.49 27.43
CA VAL A 72 1.28 -8.25 27.52
C VAL A 72 2.49 -8.42 28.40
N ASP A 73 3.48 -7.56 28.22
CA ASP A 73 4.54 -7.40 29.20
C ASP A 73 4.48 -5.96 29.66
N LYS A 74 3.85 -5.75 30.83
CA LYS A 74 3.63 -4.36 31.30
C LYS A 74 4.95 -3.64 31.58
N SER A 75 5.94 -4.34 32.09
CA SER A 75 7.20 -3.67 32.36
C SER A 75 7.83 -3.09 31.04
N ALA A 76 7.59 -3.73 29.90
CA ALA A 76 8.17 -3.35 28.59
C ALA A 76 7.17 -2.66 27.61
N SER A 77 5.95 -2.33 28.06
CA SER A 77 4.95 -1.63 27.23
C SER A 77 4.71 -2.34 25.89
N THR A 78 4.40 -3.62 25.92
CA THR A 78 4.33 -4.37 24.67
C THR A 78 3.24 -5.42 24.74
N ALA A 79 2.38 -5.40 23.72
CA ALA A 79 1.34 -6.36 23.63
C ALA A 79 1.81 -7.39 22.62
N TYR A 80 1.43 -8.64 22.86
CA TYR A 80 1.75 -9.71 21.93
C TYR A 80 0.54 -10.48 21.46
N MET A 81 0.60 -10.98 20.23
CA MET A 81 -0.39 -11.95 19.75
C MET A 81 0.30 -13.17 19.15
N GLU A 82 0.06 -14.32 19.76
CA GLU A 82 0.55 -15.56 19.25
C GLU A 82 -0.55 -16.21 18.41
N LEU A 83 -0.21 -16.55 17.16
CA LEU A 83 -1.15 -17.22 16.25
C LEU A 83 -0.69 -18.65 16.12
N SER A 84 -1.60 -19.61 16.35
CA SER A 84 -1.23 -21.04 16.34
C SER A 84 -1.65 -21.79 15.08
N SER A 85 -0.93 -22.87 14.83
CA SER A 85 -1.01 -23.70 13.62
C SER A 85 -1.63 -23.03 12.41
N LEU A 86 -0.79 -22.26 11.75
CA LEU A 86 -1.20 -21.40 10.67
C LEU A 86 -1.51 -22.20 9.43
N ARG A 87 -2.53 -21.74 8.72
CA ARG A 87 -2.87 -22.21 7.39
C ARG A 87 -3.02 -21.00 6.47
N SER A 88 -3.21 -21.28 5.18
CA SER A 88 -3.37 -20.25 4.11
C SER A 88 -4.25 -19.09 4.53
N GLU A 89 -5.41 -19.41 5.12
CA GLU A 89 -6.38 -18.38 5.52
C GLU A 89 -5.89 -17.39 6.58
N ASP A 90 -4.79 -17.74 7.24
CA ASP A 90 -4.17 -16.83 8.18
C ASP A 90 -3.27 -15.80 7.52
N THR A 91 -2.98 -15.94 6.22
CA THR A 91 -2.19 -14.93 5.50
C THR A 91 -2.97 -13.60 5.52
N ALA A 92 -2.37 -12.56 6.11
CA ALA A 92 -3.03 -11.28 6.32
C ALA A 92 -2.10 -10.29 6.97
N VAL A 93 -2.48 -9.02 6.88
CA VAL A 93 -1.92 -7.98 7.70
C VAL A 93 -2.61 -8.01 9.05
N TYR A 94 -1.85 -8.05 10.13
CA TYR A 94 -2.36 -7.96 11.49
C TYR A 94 -1.97 -6.61 12.09
N TYR A 95 -2.96 -5.87 12.57
CA TYR A 95 -2.81 -4.61 13.26
C TYR A 95 -3.07 -4.79 14.76
N CYS A 96 -2.25 -4.16 15.61
CA CYS A 96 -2.64 -3.79 16.99
C CYS A 96 -3.18 -2.40 16.98
N THR A 97 -4.07 -2.12 17.91
CA THR A 97 -4.65 -0.78 18.01
C THR A 97 -5.05 -0.51 19.43
N ARG A 98 -5.08 0.74 19.84
CA ARG A 98 -5.53 1.04 21.21
C ARG A 98 -6.93 1.65 21.24
N SER A 99 -7.54 1.60 22.41
CA SER A 99 -8.89 2.12 22.65
C SER A 99 -8.99 2.58 24.14
N ASP A 100 -9.30 3.85 24.41
CA ASP A 100 -9.43 4.32 25.85
C ASP A 100 -10.52 3.64 26.65
N GLY A 101 -11.60 3.24 25.97
CA GLY A 101 -12.79 2.73 26.64
C GLY A 101 -13.58 1.73 25.82
N ARG A 102 -12.89 0.89 25.04
CA ARG A 102 -13.50 -0.18 24.26
C ARG A 102 -14.56 0.24 23.21
N ASN A 103 -14.56 1.51 22.77
CA ASN A 103 -15.39 1.93 21.66
C ASN A 103 -14.57 2.18 20.38
N ASP A 104 -14.20 3.41 20.11
CA ASP A 104 -13.30 3.75 19.01
C ASP A 104 -11.85 3.39 19.26
N MET A 105 -11.17 3.06 18.17
CA MET A 105 -9.79 2.67 18.18
C MET A 105 -8.94 3.81 17.61
N ASP A 106 -8.29 4.57 18.49
CA ASP A 106 -7.79 5.91 18.11
C ASP A 106 -6.33 5.96 17.66
N SER A 107 -5.59 4.87 17.79
CA SER A 107 -4.23 4.86 17.34
C SER A 107 -3.88 3.46 16.91
N TRP A 108 -3.24 3.35 15.75
CA TRP A 108 -2.98 2.04 15.17
C TRP A 108 -1.52 1.79 14.89
N GLY A 109 -1.13 0.54 15.08
CA GLY A 109 0.12 0.05 14.54
C GLY A 109 0.10 0.07 13.02
N GLN A 110 1.28 -0.04 12.42
CA GLN A 110 1.46 0.03 10.98
C GLN A 110 1.19 -1.32 10.30
N GLY A 111 1.09 -2.39 11.10
CA GLY A 111 0.66 -3.67 10.62
C GLY A 111 1.80 -4.62 10.39
N THR A 112 1.50 -5.90 10.52
CA THR A 112 2.45 -6.97 10.25
C THR A 112 1.81 -7.94 9.28
N LEU A 113 2.46 -8.15 8.13
CA LEU A 113 2.03 -9.10 7.13
C LEU A 113 2.62 -10.45 7.45
N VAL A 114 1.74 -11.38 7.76
CA VAL A 114 2.13 -12.75 7.96
C VAL A 114 1.70 -13.48 6.69
N THR A 115 2.65 -14.15 6.06
CA THR A 115 2.38 -14.92 4.82
C THR A 115 2.60 -16.36 5.24
N VAL A 116 1.61 -17.21 5.04
CA VAL A 116 1.79 -18.63 5.37
C VAL A 116 2.29 -19.32 4.12
N SER A 117 3.51 -19.85 4.16
CA SER A 117 4.08 -20.52 2.98
C SER A 117 5.14 -21.53 3.30
N SER A 118 5.31 -22.53 2.45
CA SER A 118 6.45 -23.44 2.58
C SER A 118 7.73 -22.92 1.86
N ALA A 119 7.59 -21.91 1.00
CA ALA A 119 8.73 -21.36 0.25
C ALA A 119 9.66 -20.52 1.16
N SER A 120 10.95 -20.51 0.86
CA SER A 120 11.93 -19.80 1.67
C SER A 120 11.85 -18.31 1.45
N THR A 121 12.15 -17.57 2.52
CA THR A 121 12.32 -16.13 2.42
C THR A 121 13.47 -15.87 1.47
N LYS A 122 13.42 -14.74 0.76
CA LYS A 122 14.52 -14.30 -0.08
C LYS A 122 14.54 -12.78 -0.20
N GLY A 123 15.74 -12.23 -0.01
CA GLY A 123 15.99 -10.80 -0.07
C GLY A 123 16.19 -10.34 -1.50
N PRO A 124 15.82 -9.09 -1.80
CA PRO A 124 15.88 -8.59 -3.18
C PRO A 124 17.25 -8.02 -3.57
N SER A 125 17.51 -7.98 -4.88
CA SER A 125 18.59 -7.18 -5.48
C SER A 125 18.03 -5.80 -5.83
N VAL A 126 18.84 -4.76 -5.74
CA VAL A 126 18.35 -3.43 -6.04
C VAL A 126 19.21 -2.88 -7.13
N PHE A 127 18.57 -2.49 -8.23
CA PHE A 127 19.24 -1.97 -9.39
C PHE A 127 18.79 -0.55 -9.72
N PRO A 128 19.72 0.32 -10.12
CA PRO A 128 19.33 1.71 -10.43
C PRO A 128 18.55 1.83 -11.71
N LEU A 129 17.65 2.79 -11.76
CA LEU A 129 16.99 3.17 -12.98
C LEU A 129 17.45 4.60 -13.18
N ALA A 130 18.59 4.73 -13.85
CA ALA A 130 19.34 5.99 -13.93
C ALA A 130 18.62 7.03 -14.84
N PRO A 131 18.62 8.32 -14.42
CA PRO A 131 18.01 9.36 -15.27
C PRO A 131 18.82 9.63 -16.53
N THR A 136 13.91 12.25 -20.36
CA THR A 136 13.27 13.56 -20.15
C THR A 136 12.01 13.96 -20.97
N SER A 137 11.16 14.75 -20.31
CA SER A 137 9.82 15.07 -20.76
C SER A 137 9.45 16.39 -20.08
N GLY A 138 9.12 17.41 -20.89
CA GLY A 138 8.78 18.75 -20.40
C GLY A 138 9.76 19.30 -19.37
N GLY A 139 11.07 19.07 -19.59
CA GLY A 139 12.13 19.47 -18.66
C GLY A 139 12.19 18.72 -17.32
N THR A 140 11.54 17.56 -17.22
CA THR A 140 11.61 16.77 -15.98
C THR A 140 12.38 15.51 -16.31
N ALA A 141 13.00 14.91 -15.31
CA ALA A 141 13.69 13.63 -15.47
C ALA A 141 13.05 12.59 -14.55
N ALA A 142 13.11 11.31 -14.91
CA ALA A 142 12.62 10.24 -14.08
C ALA A 142 13.79 9.42 -13.68
N LEU A 143 13.75 8.92 -12.45
CA LEU A 143 14.76 8.01 -11.94
C LEU A 143 14.10 7.02 -10.98
N GLY A 144 14.81 5.99 -10.56
CA GLY A 144 14.17 4.98 -9.78
C GLY A 144 15.06 3.84 -9.32
N CYS A 145 14.47 2.90 -8.60
CA CYS A 145 15.13 1.66 -8.20
C CYS A 145 14.28 0.47 -8.57
N LEU A 146 14.90 -0.55 -9.18
CA LEU A 146 14.21 -1.79 -9.46
C LEU A 146 14.56 -2.73 -8.35
N VAL A 147 13.54 -3.22 -7.67
CA VAL A 147 13.74 -4.10 -6.50
C VAL A 147 13.28 -5.49 -6.90
N LYS A 148 14.26 -6.36 -7.16
CA LYS A 148 13.99 -7.59 -7.87
C LYS A 148 14.28 -8.84 -7.04
N ASP A 149 13.36 -9.81 -7.15
CA ASP A 149 13.52 -11.21 -6.74
C ASP A 149 13.46 -11.43 -5.22
N TYR A 150 12.31 -11.10 -4.62
CA TYR A 150 12.12 -11.26 -3.22
C TYR A 150 10.88 -12.07 -2.88
N PHE A 151 10.92 -12.68 -1.72
CA PHE A 151 9.74 -13.43 -1.19
C PHE A 151 9.82 -13.39 0.32
N PRO A 152 8.71 -13.28 1.07
CA PRO A 152 7.40 -12.87 0.60
C PRO A 152 7.32 -11.34 0.49
N GLU A 153 6.14 -10.80 0.26
CA GLU A 153 5.89 -9.37 0.48
C GLU A 153 6.09 -9.04 2.00
N PRO A 154 6.31 -7.78 2.40
CA PRO A 154 6.40 -6.62 1.53
C PRO A 154 7.80 -6.08 1.49
N VAL A 155 8.04 -5.26 0.49
CA VAL A 155 9.25 -4.41 0.37
C VAL A 155 8.70 -3.04 0.54
N THR A 156 9.39 -2.19 1.30
CA THR A 156 9.08 -0.77 1.33
C THR A 156 10.27 -0.03 0.77
N VAL A 157 10.01 1.15 0.19
CA VAL A 157 11.04 2.04 -0.33
C VAL A 157 10.82 3.46 0.17
N SER A 158 11.89 4.10 0.61
CA SER A 158 11.82 5.52 0.76
C SER A 158 12.94 6.12 -0.09
N TRP A 159 12.86 7.42 -0.31
CA TRP A 159 13.92 8.15 -0.99
C TRP A 159 14.57 9.15 -0.06
N ASN A 160 15.89 9.21 -0.11
CA ASN A 160 16.66 10.10 0.78
C ASN A 160 16.20 10.07 2.21
N SER A 161 16.14 8.86 2.78
CA SER A 161 15.69 8.60 4.17
C SER A 161 14.39 9.28 4.57
N GLY A 162 13.46 9.40 3.64
CA GLY A 162 12.17 10.03 3.87
C GLY A 162 12.08 11.51 3.53
N ALA A 163 13.17 12.19 3.18
CA ALA A 163 13.09 13.62 2.78
C ALA A 163 12.48 13.86 1.38
N LEU A 164 12.53 12.83 0.51
CA LEU A 164 12.02 12.90 -0.83
C LEU A 164 10.76 12.04 -0.92
N THR A 165 9.63 12.73 -0.99
CA THR A 165 8.35 12.05 -1.17
C THR A 165 7.52 12.57 -2.28
N SER A 166 7.68 13.84 -2.68
CA SER A 166 6.89 14.43 -3.75
C SER A 166 7.27 13.75 -5.10
N GLY A 167 6.24 13.33 -5.84
CA GLY A 167 6.39 12.67 -7.15
C GLY A 167 6.83 11.20 -7.06
N VAL A 168 7.03 10.65 -5.86
CA VAL A 168 7.48 9.26 -5.74
C VAL A 168 6.32 8.36 -6.15
N HIS A 169 6.59 7.35 -6.95
CA HIS A 169 5.60 6.31 -7.12
C HIS A 169 6.26 4.98 -6.86
N THR A 170 5.77 4.27 -5.87
CA THR A 170 6.30 2.95 -5.52
C THR A 170 5.19 1.99 -5.93
N PHE A 171 5.47 1.20 -6.96
CA PHE A 171 4.47 0.34 -7.55
C PHE A 171 4.11 -0.85 -6.67
N PRO A 172 2.88 -1.34 -6.81
CA PRO A 172 2.49 -2.63 -6.22
C PRO A 172 3.39 -3.72 -6.77
N ALA A 173 3.79 -4.67 -5.93
CA ALA A 173 4.54 -5.76 -6.42
C ALA A 173 3.81 -6.47 -7.57
N VAL A 174 4.57 -6.97 -8.52
CA VAL A 174 4.10 -8.05 -9.43
C VAL A 174 4.71 -9.42 -9.05
N LEU A 175 3.97 -10.46 -9.39
CA LEU A 175 4.41 -11.84 -9.12
C LEU A 175 5.06 -12.36 -10.38
N GLN A 176 6.35 -12.70 -10.29
CA GLN A 176 7.08 -13.22 -11.43
C GLN A 176 6.81 -14.71 -11.65
N SER A 177 7.23 -15.18 -12.80
CA SER A 177 7.08 -16.59 -13.13
C SER A 177 7.78 -17.48 -12.16
N SER A 178 8.94 -17.07 -11.67
CA SER A 178 9.67 -17.81 -10.64
C SER A 178 8.91 -18.01 -9.29
N GLY A 179 7.82 -17.28 -9.05
CA GLY A 179 7.19 -17.22 -7.73
C GLY A 179 7.83 -16.21 -6.77
N LEU A 180 8.85 -15.47 -7.24
CA LEU A 180 9.40 -14.35 -6.51
C LEU A 180 8.75 -13.06 -6.98
N TYR A 181 8.66 -12.08 -6.07
CA TYR A 181 8.02 -10.80 -6.37
C TYR A 181 8.99 -9.80 -6.95
N SER A 182 8.46 -8.79 -7.61
CA SER A 182 9.23 -7.65 -8.06
C SER A 182 8.50 -6.31 -7.96
N LEU A 183 9.25 -5.23 -7.74
CA LEU A 183 8.68 -3.84 -7.76
C LEU A 183 9.70 -2.78 -8.09
N SER A 184 9.19 -1.67 -8.60
CA SER A 184 9.98 -0.50 -8.91
C SER A 184 9.41 0.62 -8.13
N SER A 185 10.31 1.50 -7.72
CA SER A 185 9.98 2.83 -7.19
C SER A 185 10.70 3.87 -8.01
N VAL A 186 9.98 4.90 -8.47
CA VAL A 186 10.49 5.94 -9.30
C VAL A 186 10.08 7.30 -8.76
N VAL A 187 10.78 8.35 -9.23
CA VAL A 187 10.48 9.75 -8.91
C VAL A 187 10.68 10.59 -10.15
N THR A 188 9.94 11.67 -10.28
CA THR A 188 10.32 12.70 -11.26
C THR A 188 10.90 13.91 -10.57
N VAL A 189 11.96 14.46 -11.15
CA VAL A 189 12.64 15.62 -10.57
C VAL A 189 12.97 16.64 -11.68
N PRO A 190 13.50 17.80 -11.31
CA PRO A 190 14.02 18.66 -12.37
C PRO A 190 15.18 18.02 -13.09
N SER A 191 15.20 18.13 -14.42
CA SER A 191 16.37 17.66 -15.19
C SER A 191 17.53 18.61 -14.96
N SER A 192 17.21 19.86 -14.59
CA SER A 192 18.18 20.89 -14.41
C SER A 192 19.17 20.63 -13.31
N SER A 193 18.82 19.82 -12.31
CA SER A 193 19.61 19.71 -11.08
C SER A 193 20.17 18.31 -10.84
N LEU A 194 20.14 17.49 -11.89
CA LEU A 194 20.67 16.14 -11.81
C LEU A 194 22.14 16.07 -11.37
N GLY A 195 22.93 17.09 -11.69
CA GLY A 195 24.32 17.22 -11.28
C GLY A 195 24.58 17.82 -9.89
N THR A 196 23.56 18.37 -9.23
CA THR A 196 23.70 18.92 -7.88
C THR A 196 22.98 18.11 -6.78
N GLN A 197 21.80 17.56 -7.05
CA GLN A 197 21.03 16.80 -6.04
C GLN A 197 21.43 15.32 -5.97
N THR A 198 21.25 14.70 -4.81
CA THR A 198 21.56 13.28 -4.63
C THR A 198 20.24 12.52 -4.34
N TYR A 199 20.07 11.38 -4.98
CA TYR A 199 18.88 10.57 -4.93
C TYR A 199 19.31 9.17 -4.52
N ILE A 200 18.82 8.72 -3.37
CA ILE A 200 19.24 7.45 -2.83
C ILE A 200 17.95 6.75 -2.48
N CYS A 201 17.78 5.53 -2.95
CA CYS A 201 16.59 4.78 -2.58
C CYS A 201 16.94 3.84 -1.43
N ASN A 202 16.07 3.78 -0.42
CA ASN A 202 16.27 2.97 0.78
C ASN A 202 15.26 1.84 0.68
N VAL A 203 15.73 0.61 0.51
CA VAL A 203 14.89 -0.55 0.33
C VAL A 203 14.94 -1.43 1.59
N ASN A 204 13.76 -1.74 2.10
CA ASN A 204 13.56 -2.57 3.28
C ASN A 204 12.75 -3.81 2.95
N HIS A 205 13.32 -4.98 3.20
CA HIS A 205 12.57 -6.24 3.17
C HIS A 205 12.79 -6.96 4.54
N LYS A 206 11.91 -6.59 5.49
CA LYS A 206 11.97 -7.05 6.86
C LYS A 206 12.05 -8.58 6.97
N PRO A 207 11.29 -9.33 6.14
CA PRO A 207 11.40 -10.79 6.36
C PRO A 207 12.77 -11.36 6.16
N SER A 208 13.56 -10.81 5.24
CA SER A 208 14.93 -11.32 5.01
C SER A 208 15.97 -10.46 5.71
N ASN A 209 15.50 -9.54 6.56
CA ASN A 209 16.32 -8.52 7.21
C ASN A 209 17.21 -7.69 6.28
N THR A 210 16.69 -7.42 5.09
CA THR A 210 17.42 -6.64 4.07
C THR A 210 17.08 -5.15 4.22
N LYS A 211 18.11 -4.33 4.32
CA LYS A 211 18.01 -2.90 4.58
C LYS A 211 19.18 -2.28 3.78
N VAL A 212 18.89 -1.85 2.52
CA VAL A 212 19.86 -1.50 1.47
C VAL A 212 19.63 -0.10 0.84
N ASP A 213 20.69 0.67 0.69
CA ASP A 213 20.63 2.07 0.13
C ASP A 213 21.36 2.06 -1.18
N LYS A 214 20.79 2.69 -2.21
CA LYS A 214 21.38 2.69 -3.55
C LYS A 214 21.29 4.11 -4.12
N LYS A 215 22.47 4.73 -4.29
CA LYS A 215 22.61 5.99 -4.98
C LYS A 215 22.24 5.78 -6.46
N VAL A 216 21.28 6.57 -6.96
CA VAL A 216 20.89 6.54 -8.35
C VAL A 216 21.48 7.75 -9.00
N GLU A 217 22.52 7.54 -9.80
CA GLU A 217 23.25 8.63 -10.44
C GLU A 217 22.94 8.76 -11.92
N PRO A 218 23.09 9.96 -12.48
CA PRO A 218 22.81 10.15 -13.90
C PRO A 218 23.71 9.29 -14.77
N LYS A 219 23.18 8.73 -15.87
CA LYS A 219 23.90 7.80 -16.79
C LYS A 219 24.99 8.50 -17.61
N SER A 220 26.22 8.48 -17.09
CA SER A 220 27.33 9.37 -17.54
C SER A 220 28.58 8.51 -17.64
N ASP A 222 28.86 7.27 -22.52
CA ASP A 222 30.18 6.70 -22.88
C ASP A 222 30.43 6.64 -24.42
N LYS A 223 31.45 7.39 -24.89
CA LYS A 223 31.82 7.47 -26.32
C LYS A 223 32.34 6.15 -26.89
N THR A 224 33.03 5.35 -26.07
CA THR A 224 33.62 4.01 -26.42
C THR A 224 32.71 2.75 -26.20
N HIS A 225 32.54 1.93 -27.24
CA HIS A 225 31.50 0.87 -27.29
C HIS A 225 31.98 -0.60 -27.25
N THR A 226 33.29 -0.82 -27.28
CA THR A 226 33.84 -2.14 -27.05
C THR A 226 33.69 -2.55 -25.56
N ASP B 1 -23.63 -12.23 15.16
CA ASP B 1 -23.06 -10.86 15.26
C ASP B 1 -23.90 -9.86 14.46
N ILE B 2 -23.60 -8.59 14.72
CA ILE B 2 -24.14 -7.43 13.98
C ILE B 2 -23.34 -7.23 12.67
N VAL B 3 -24.08 -7.14 11.57
CA VAL B 3 -23.54 -6.97 10.23
C VAL B 3 -23.68 -5.48 9.95
N LEU B 4 -22.59 -4.82 9.56
CA LEU B 4 -22.62 -3.44 9.03
C LEU B 4 -22.53 -3.54 7.50
N THR B 5 -23.51 -2.95 6.81
CA THR B 5 -23.55 -3.00 5.34
C THR B 5 -23.26 -1.61 4.84
N GLN B 6 -22.12 -1.43 4.19
CA GLN B 6 -21.79 -0.10 3.67
C GLN B 6 -22.30 0.01 2.25
N SER B 7 -22.59 1.23 1.82
CA SER B 7 -22.97 1.49 0.41
C SER B 7 -22.57 2.93 -0.01
N PRO B 8 -22.20 3.13 -1.26
CA PRO B 8 -21.93 2.05 -2.21
C PRO B 8 -20.57 1.43 -1.90
N ALA B 9 -20.26 0.33 -2.57
CA ALA B 9 -18.93 -0.29 -2.48
C ALA B 9 -17.86 0.66 -3.01
N THR B 10 -18.17 1.36 -4.11
CA THR B 10 -17.24 2.30 -4.72
C THR B 10 -17.99 3.57 -4.95
N LEU B 11 -17.40 4.70 -4.57
CA LEU B 11 -17.99 5.99 -4.84
C LEU B 11 -17.00 6.80 -5.65
N SER B 12 -17.44 7.30 -6.81
CA SER B 12 -16.63 8.23 -7.62
C SER B 12 -17.18 9.63 -7.60
N VAL B 13 -16.34 10.60 -7.25
CA VAL B 13 -16.73 12.00 -7.17
C VAL B 13 -15.74 12.84 -7.92
N SER B 14 -16.18 13.99 -8.40
CA SER B 14 -15.25 14.94 -9.01
C SER B 14 -14.54 15.73 -7.91
N PRO B 15 -13.36 16.31 -8.26
CA PRO B 15 -12.65 17.26 -7.36
C PRO B 15 -13.61 18.29 -6.75
N GLY B 16 -13.52 18.46 -5.44
CA GLY B 16 -14.34 19.44 -4.73
C GLY B 16 -15.85 19.22 -4.64
N GLU B 17 -16.36 18.07 -5.13
CA GLU B 17 -17.80 17.78 -4.97
C GLU B 17 -18.05 17.13 -3.61
N ARG B 18 -19.32 16.97 -3.26
CA ARG B 18 -19.72 16.37 -1.98
C ARG B 18 -19.70 14.87 -2.14
N ALA B 19 -19.18 14.16 -1.12
CA ALA B 19 -19.25 12.70 -1.04
C ALA B 19 -20.07 12.24 0.15
N THR B 20 -21.07 11.40 -0.09
CA THR B 20 -21.84 10.77 0.98
C THR B 20 -21.77 9.25 0.90
N ILE B 21 -21.40 8.60 2.00
CA ILE B 21 -21.32 7.15 2.08
C ILE B 21 -22.18 6.70 3.27
N SER B 22 -22.87 5.58 3.12
CA SER B 22 -23.87 5.10 4.07
CA SER B 22 -23.86 5.10 4.08
C SER B 22 -23.36 3.83 4.76
N CYS B 23 -23.79 3.63 6.00
CA CYS B 23 -23.51 2.39 6.75
C CYS B 23 -24.78 2.01 7.52
N ARG B 24 -25.35 0.87 7.18
CA ARG B 24 -26.60 0.35 7.81
C ARG B 24 -26.22 -0.84 8.73
N ALA B 25 -26.48 -0.70 10.03
CA ALA B 25 -26.35 -1.82 10.98
C ALA B 25 -27.59 -2.70 10.95
N SER B 26 -27.35 -4.01 11.08
CA SER B 26 -28.37 -5.05 10.96
C SER B 26 -29.33 -4.98 12.13
N GLN B 27 -28.86 -4.35 13.22
CA GLN B 27 -29.73 -3.90 14.29
C GLN B 27 -29.26 -2.60 14.95
N ARG B 28 -30.11 -2.08 15.81
CA ARG B 28 -29.87 -0.83 16.49
C ARG B 28 -28.55 -0.89 17.27
N VAL B 29 -27.76 0.19 17.12
CA VAL B 29 -26.51 0.39 17.88
C VAL B 29 -26.43 1.78 18.58
N SER B 30 -27.60 2.31 18.95
CA SER B 30 -27.73 3.60 19.65
C SER B 30 -28.57 3.39 20.90
N SER B 31 -28.25 4.11 21.96
CA SER B 31 -29.13 4.30 23.12
C SER B 31 -30.13 5.44 22.87
N SER B 32 -30.86 5.82 23.92
CA SER B 32 -31.58 7.08 23.96
C SER B 32 -30.65 8.25 23.58
N THR B 33 -29.41 8.24 24.06
CA THR B 33 -28.58 9.44 24.10
C THR B 33 -27.36 9.41 23.16
N TYR B 34 -26.71 8.26 22.96
CA TYR B 34 -25.46 8.20 22.18
C TYR B 34 -25.49 7.10 21.11
N SER B 35 -24.73 7.31 20.04
CA SER B 35 -24.58 6.30 18.99
C SER B 35 -23.21 5.70 19.05
N TYR B 36 -23.14 4.37 18.88
CA TYR B 36 -21.89 3.60 18.97
C TYR B 36 -21.35 3.13 17.62
N MET B 37 -21.35 4.05 16.65
CA MET B 37 -20.78 3.85 15.33
C MET B 37 -19.57 4.78 15.20
N HIS B 38 -18.47 4.24 14.70
CA HIS B 38 -17.24 5.01 14.45
C HIS B 38 -16.87 4.88 12.96
N TRP B 39 -16.15 5.88 12.42
CA TRP B 39 -15.69 5.85 11.01
C TRP B 39 -14.21 5.99 10.94
N TYR B 40 -13.66 5.18 10.04
CA TYR B 40 -12.24 5.16 9.73
C TYR B 40 -11.98 5.39 8.22
N GLN B 41 -10.76 5.87 7.96
CA GLN B 41 -10.20 6.12 6.64
C GLN B 41 -8.91 5.33 6.52
N GLN B 42 -8.84 4.47 5.52
CA GLN B 42 -7.60 3.77 5.26
C GLN B 42 -7.03 4.25 3.95
N LYS B 43 -6.00 5.10 4.06
CA LYS B 43 -5.19 5.51 2.89
C LYS B 43 -4.29 4.37 2.42
N PRO B 44 -3.91 4.39 1.14
CA PRO B 44 -3.32 3.18 0.57
C PRO B 44 -2.04 2.86 1.31
N GLY B 45 -1.87 1.59 1.74
CA GLY B 45 -0.61 1.16 2.39
C GLY B 45 -0.53 1.40 3.90
N GLN B 46 -1.46 2.17 4.43
CA GLN B 46 -1.44 2.62 5.82
C GLN B 46 -2.51 1.90 6.65
N PRO B 47 -2.42 2.02 8.00
CA PRO B 47 -3.52 1.42 8.82
C PRO B 47 -4.73 2.32 8.75
N PRO B 48 -5.90 1.83 9.16
CA PRO B 48 -7.08 2.68 9.28
C PRO B 48 -6.80 3.83 10.18
N LYS B 49 -7.58 4.86 10.04
CA LYS B 49 -7.38 6.06 10.81
C LYS B 49 -8.70 6.57 11.31
N LEU B 50 -8.77 6.89 12.59
CA LEU B 50 -10.02 7.35 13.21
C LEU B 50 -10.39 8.77 12.75
N LEU B 51 -11.59 8.92 12.23
CA LEU B 51 -12.08 10.21 11.75
C LEU B 51 -13.18 10.79 12.62
N ILE B 52 -14.18 9.97 12.91
CA ILE B 52 -15.41 10.34 13.53
C ILE B 52 -15.64 9.24 14.54
N LYS B 53 -15.89 9.62 15.78
CA LYS B 53 -16.30 8.66 16.83
C LYS B 53 -17.70 9.08 17.30
N TYR B 54 -18.41 8.09 17.83
CA TYR B 54 -19.81 8.18 18.27
C TYR B 54 -20.74 8.88 17.28
N ALA B 55 -20.70 8.42 16.04
CA ALA B 55 -21.57 8.87 14.92
C ALA B 55 -21.26 10.27 14.39
N SER B 56 -20.99 11.25 15.29
CA SER B 56 -20.77 12.64 14.85
C SER B 56 -19.60 13.45 15.48
N ASN B 57 -18.83 12.85 16.37
CA ASN B 57 -17.72 13.57 17.00
C ASN B 57 -16.46 13.50 16.15
N LEU B 58 -16.09 14.65 15.62
CA LEU B 58 -14.93 14.77 14.74
C LEU B 58 -13.70 14.58 15.64
N GLU B 59 -12.93 13.55 15.38
CA GLU B 59 -11.66 13.30 16.07
C GLU B 59 -10.65 14.43 15.82
N SER B 60 -9.82 14.69 16.81
CA SER B 60 -8.93 15.86 16.79
C SER B 60 -7.89 15.70 15.70
N GLY B 61 -7.56 16.84 15.10
CA GLY B 61 -6.70 16.91 13.97
C GLY B 61 -7.31 16.48 12.66
N VAL B 62 -8.56 16.02 12.63
CA VAL B 62 -9.15 15.56 11.34
C VAL B 62 -9.72 16.78 10.64
N PRO B 63 -9.53 16.90 9.33
CA PRO B 63 -10.04 18.13 8.71
C PRO B 63 -11.55 18.36 8.87
N ALA B 64 -11.93 19.62 8.85
CA ALA B 64 -13.31 20.06 9.09
C ALA B 64 -14.32 19.65 8.00
N ARG B 65 -13.84 19.36 6.81
CA ARG B 65 -14.71 18.95 5.73
C ARG B 65 -15.38 17.58 5.96
N PHE B 66 -14.85 16.78 6.89
CA PHE B 66 -15.51 15.54 7.34
C PHE B 66 -16.57 15.76 8.40
N SER B 67 -17.66 14.99 8.31
CA SER B 67 -18.73 15.01 9.29
C SER B 67 -19.52 13.70 9.25
N GLY B 68 -20.25 13.43 10.33
CA GLY B 68 -21.06 12.23 10.45
C GLY B 68 -22.39 12.47 11.10
N SER B 69 -23.38 11.65 10.73
CA SER B 69 -24.69 11.73 11.36
C SER B 69 -25.43 10.41 11.29
N GLY B 70 -26.60 10.47 11.90
CA GLY B 70 -27.53 9.36 11.97
C GLY B 70 -27.57 8.86 13.39
N SER B 71 -28.56 8.01 13.63
CA SER B 71 -28.83 7.36 14.92
C SER B 71 -29.50 6.03 14.60
N GLY B 72 -29.42 5.08 15.50
CA GLY B 72 -30.24 3.87 15.38
C GLY B 72 -29.54 2.85 14.52
N THR B 73 -29.98 2.65 13.27
CA THR B 73 -29.23 1.78 12.34
C THR B 73 -28.57 2.48 11.14
N ASP B 74 -29.08 3.63 10.69
CA ASP B 74 -28.65 4.25 9.41
C ASP B 74 -27.69 5.39 9.72
N PHE B 75 -26.43 5.24 9.32
CA PHE B 75 -25.37 6.23 9.60
C PHE B 75 -24.73 6.65 8.26
N THR B 76 -24.28 7.91 8.19
CA THR B 76 -23.67 8.46 6.98
C THR B 76 -22.42 9.24 7.35
N LEU B 77 -21.37 9.11 6.53
CA LEU B 77 -20.19 9.96 6.56
C LEU B 77 -20.24 10.91 5.36
N THR B 78 -20.09 12.21 5.63
CA THR B 78 -20.10 13.22 4.60
C THR B 78 -18.74 13.84 4.49
N ILE B 79 -18.27 14.00 3.26
CA ILE B 79 -17.12 14.85 2.96
C ILE B 79 -17.68 16.00 2.12
N SER B 80 -17.63 17.22 2.68
CA SER B 80 -18.32 18.33 2.05
C SER B 80 -17.66 18.68 0.72
N SER B 81 -16.33 18.60 0.66
CA SER B 81 -15.65 18.92 -0.56
C SER B 81 -14.38 18.09 -0.73
N VAL B 82 -14.42 17.13 -1.65
CA VAL B 82 -13.38 16.12 -1.77
C VAL B 82 -12.07 16.66 -2.35
N GLU B 83 -10.98 16.42 -1.62
CA GLU B 83 -9.61 16.75 -1.98
C GLU B 83 -8.89 15.48 -2.40
N PRO B 84 -7.80 15.63 -3.17
CA PRO B 84 -7.03 14.45 -3.60
C PRO B 84 -6.63 13.46 -2.46
N GLU B 85 -6.18 14.02 -1.34
CA GLU B 85 -5.70 13.21 -0.24
C GLU B 85 -6.82 12.43 0.50
N ASP B 86 -8.10 12.68 0.12
CA ASP B 86 -9.23 11.87 0.60
C ASP B 86 -9.44 10.51 -0.08
N PHE B 87 -8.66 10.25 -1.13
CA PHE B 87 -8.57 8.93 -1.75
C PHE B 87 -8.22 7.87 -0.71
N ALA B 88 -9.19 7.02 -0.39
CA ALA B 88 -9.05 6.01 0.65
C ALA B 88 -10.24 5.08 0.59
N THR B 89 -10.15 4.00 1.36
CA THR B 89 -11.33 3.25 1.75
C THR B 89 -11.80 3.74 3.08
N TYR B 90 -13.11 3.89 3.20
CA TYR B 90 -13.75 4.24 4.44
C TYR B 90 -14.50 3.04 5.01
N TYR B 91 -14.24 2.76 6.31
CA TYR B 91 -14.86 1.65 7.09
C TYR B 91 -15.66 2.19 8.28
N CYS B 92 -16.84 1.63 8.51
CA CYS B 92 -17.57 1.88 9.72
C CYS B 92 -17.31 0.72 10.67
N GLN B 93 -17.56 0.99 11.93
CA GLN B 93 -17.35 0.02 13.03
C GLN B 93 -18.28 0.37 14.16
N HIS B 94 -18.93 -0.65 14.74
CA HIS B 94 -19.74 -0.43 15.92
C HIS B 94 -18.97 -0.98 17.13
N SER B 95 -19.33 -0.44 18.31
CA SER B 95 -18.91 -0.93 19.60
C SER B 95 -20.12 -1.02 20.57
N TRP B 96 -21.30 -1.37 20.02
CA TRP B 96 -22.50 -1.64 20.82
C TRP B 96 -22.41 -2.85 21.74
N GLU B 97 -21.78 -3.92 21.26
CA GLU B 97 -21.72 -5.19 21.99
C GLU B 97 -20.62 -6.04 21.37
C DV7 B 98 -19.70 -8.98 20.47
O DV7 B 98 -20.82 -9.48 20.55
CA DV7 B 98 -19.22 -8.07 21.58
N DV7 B 98 -20.25 -7.12 22.06
CB DV7 B 98 -18.72 -9.03 22.67
CG DV7 B 98 -18.11 -8.31 23.86
CD DV7 B 98 -17.02 -7.35 23.42
CE2 DV7 B 98 -17.19 -5.92 23.48
CZ3 DV7 B 98 -18.36 -5.24 23.95
CH2 DV7 B 98 -18.45 -3.85 23.98
CT DV7 B 98 -17.38 -3.10 23.55
OI DV7 B 98 -17.47 -1.77 23.58
CH1 DV7 B 98 -16.20 -3.71 23.07
CZ2 DV7 B 98 -16.12 -5.10 23.04
OH1 DV7 B 98 -14.94 -5.67 22.58
CZ1 DV7 B 98 -14.76 -7.03 22.52
CE1 DV7 B 98 -15.85 -7.88 22.95
OH2 DV7 B 98 -13.69 -7.43 22.08
N PRO B 99 -18.90 -9.20 19.41
CA PRO B 99 -17.65 -8.50 19.15
C PRO B 99 -17.88 -7.21 18.26
N PRO B 100 -17.09 -6.13 18.47
CA PRO B 100 -17.14 -5.04 17.50
C PRO B 100 -16.92 -5.63 16.11
N THR B 101 -17.63 -5.10 15.13
CA THR B 101 -17.54 -5.59 13.76
C THR B 101 -17.35 -4.37 12.87
N PHE B 102 -16.74 -4.61 11.71
CA PHE B 102 -16.53 -3.56 10.70
C PHE B 102 -17.43 -3.74 9.50
N GLY B 103 -17.74 -2.63 8.85
CA GLY B 103 -18.33 -2.68 7.55
C GLY B 103 -17.33 -3.14 6.51
N GLY B 104 -17.86 -3.41 5.32
CA GLY B 104 -17.07 -3.94 4.19
C GLY B 104 -16.21 -2.90 3.47
N GLY B 105 -16.40 -1.61 3.76
CA GLY B 105 -15.64 -0.56 3.13
C GLY B 105 -16.34 0.05 1.91
N THR B 106 -16.12 1.35 1.73
CA THR B 106 -16.49 2.10 0.56
C THR B 106 -15.20 2.72 0.06
N LYS B 107 -14.83 2.37 -1.18
CA LYS B 107 -13.69 2.94 -1.87
C LYS B 107 -14.15 4.30 -2.49
N LEU B 108 -13.43 5.37 -2.18
CA LEU B 108 -13.76 6.68 -2.70
C LEU B 108 -12.75 6.88 -3.80
N GLU B 109 -13.23 7.16 -5.02
CA GLU B 109 -12.40 7.38 -6.19
C GLU B 109 -12.68 8.78 -6.72
N ILE B 110 -11.66 9.40 -7.31
CA ILE B 110 -11.71 10.82 -7.64
C ILE B 110 -11.60 11.01 -9.15
N LYS B 111 -12.71 11.37 -9.80
CA LYS B 111 -12.76 11.68 -11.24
C LYS B 111 -12.13 13.04 -11.65
N ARG B 112 -10.81 13.13 -11.52
CA ARG B 112 -10.03 14.33 -11.89
C ARG B 112 -9.96 14.52 -13.40
N THR B 113 -9.36 15.62 -13.86
CA THR B 113 -9.37 15.92 -15.29
C THR B 113 -8.43 14.98 -16.01
N VAL B 114 -8.70 14.78 -17.29
CA VAL B 114 -7.99 13.79 -18.15
C VAL B 114 -6.53 14.26 -18.30
N ALA B 115 -5.58 13.38 -18.14
CA ALA B 115 -4.19 13.74 -18.29
C ALA B 115 -3.46 12.63 -19.05
N ALA B 116 -2.69 13.03 -20.06
CA ALA B 116 -1.87 12.12 -20.84
C ALA B 116 -0.69 11.69 -19.99
N PRO B 117 -0.15 10.48 -20.21
CA PRO B 117 1.04 10.05 -19.56
C PRO B 117 2.27 10.75 -20.14
N SER B 118 3.22 11.19 -19.29
CA SER B 118 4.61 11.40 -19.70
C SER B 118 5.26 10.03 -19.66
N VAL B 119 5.94 9.67 -20.72
CA VAL B 119 6.53 8.33 -20.87
C VAL B 119 8.06 8.40 -20.84
N PHE B 120 8.67 7.53 -20.03
CA PHE B 120 10.15 7.39 -20.02
C PHE B 120 10.51 5.90 -20.15
N ILE B 121 11.71 5.63 -20.65
CA ILE B 121 12.28 4.30 -20.81
C ILE B 121 13.67 4.17 -20.16
N PHE B 122 13.93 3.06 -19.47
CA PHE B 122 15.23 2.82 -18.83
C PHE B 122 15.82 1.55 -19.38
N PRO B 123 17.01 1.63 -19.97
CA PRO B 123 17.71 0.38 -20.27
C PRO B 123 18.11 -0.30 -18.96
N PRO B 124 18.53 -1.56 -19.04
CA PRO B 124 19.08 -2.29 -17.88
C PRO B 124 20.32 -1.67 -17.32
N SER B 125 20.49 -1.72 -15.99
CA SER B 125 21.72 -1.26 -15.36
C SER B 125 22.85 -2.18 -15.80
N ASP B 126 24.07 -1.66 -15.79
CA ASP B 126 25.27 -2.50 -16.01
C ASP B 126 25.40 -3.52 -14.89
N GLU B 127 25.14 -3.06 -13.68
CA GLU B 127 25.07 -3.91 -12.49
C GLU B 127 24.21 -5.19 -12.68
N GLN B 128 23.00 -5.05 -13.22
CA GLN B 128 22.13 -6.21 -13.45
C GLN B 128 22.68 -7.12 -14.52
N LEU B 129 23.21 -6.54 -15.60
CA LEU B 129 23.71 -7.34 -16.73
C LEU B 129 24.91 -8.20 -16.35
N LYS B 130 25.78 -7.75 -15.46
CA LYS B 130 26.82 -8.61 -14.85
C LYS B 130 26.24 -10.00 -14.41
N SER B 131 25.01 -10.02 -13.90
CA SER B 131 24.36 -11.24 -13.41
C SER B 131 23.65 -12.14 -14.44
N GLY B 132 23.56 -11.72 -15.70
CA GLY B 132 22.92 -12.51 -16.77
C GLY B 132 21.48 -12.17 -17.20
N THR B 133 20.88 -11.13 -16.63
CA THR B 133 19.50 -10.73 -16.93
C THR B 133 19.44 -9.25 -17.27
N ALA B 134 18.46 -8.90 -18.09
CA ALA B 134 18.21 -7.51 -18.47
C ALA B 134 16.74 -7.18 -18.30
N SER B 135 16.45 -6.28 -17.35
CA SER B 135 15.13 -5.64 -17.26
C SER B 135 15.17 -4.26 -17.93
N VAL B 136 14.24 -4.02 -18.85
CA VAL B 136 14.01 -2.71 -19.45
C VAL B 136 12.69 -2.22 -18.91
N VAL B 137 12.68 -1.03 -18.33
CA VAL B 137 11.52 -0.49 -17.65
C VAL B 137 10.96 0.68 -18.46
N CYS B 138 9.66 0.60 -18.76
CA CYS B 138 8.94 1.67 -19.40
C CYS B 138 8.01 2.28 -18.32
N LEU B 139 8.11 3.60 -18.16
CA LEU B 139 7.31 4.34 -17.16
C LEU B 139 6.27 5.27 -17.76
N LEU B 140 5.00 5.06 -17.41
CA LEU B 140 3.93 5.98 -17.79
C LEU B 140 3.60 6.70 -16.52
N ASN B 141 3.80 8.01 -16.49
CA ASN B 141 3.69 8.81 -15.27
C ASN B 141 2.54 9.77 -15.30
N ASN B 142 1.77 9.81 -14.20
CA ASN B 142 0.76 10.87 -13.94
C ASN B 142 -0.34 11.07 -15.01
N PHE B 143 -0.98 9.98 -15.40
CA PHE B 143 -2.07 9.97 -16.36
C PHE B 143 -3.43 9.72 -15.71
N TYR B 144 -4.49 10.12 -16.37
CA TYR B 144 -5.84 9.88 -15.91
C TYR B 144 -6.76 9.86 -17.13
N PRO B 145 -7.73 8.95 -17.22
CA PRO B 145 -8.00 7.83 -16.30
C PRO B 145 -7.08 6.62 -16.49
N ARG B 146 -7.42 5.53 -15.85
CA ARG B 146 -6.56 4.40 -15.70
C ARG B 146 -6.22 3.66 -17.03
N GLU B 147 -7.15 3.56 -17.98
CA GLU B 147 -6.96 2.68 -19.13
C GLU B 147 -5.83 3.19 -20.01
N ALA B 148 -4.84 2.34 -20.23
CA ALA B 148 -3.68 2.69 -21.03
C ALA B 148 -3.17 1.38 -21.59
N LYS B 149 -2.73 1.40 -22.83
CA LYS B 149 -2.26 0.18 -23.49
C LYS B 149 -0.75 0.37 -23.74
N VAL B 150 0.04 -0.59 -23.27
CA VAL B 150 1.48 -0.56 -23.45
C VAL B 150 1.97 -1.77 -24.20
N GLN B 151 2.76 -1.53 -25.26
CA GLN B 151 3.33 -2.59 -26.08
C GLN B 151 4.82 -2.42 -26.28
N TRP B 152 5.55 -3.52 -26.18
CA TRP B 152 6.96 -3.52 -26.35
C TRP B 152 7.29 -3.89 -27.78
N LYS B 153 8.27 -3.20 -28.33
CA LYS B 153 8.76 -3.48 -29.67
C LYS B 153 10.27 -3.57 -29.63
N VAL B 154 10.75 -4.71 -30.12
CA VAL B 154 12.18 -4.99 -30.17
C VAL B 154 12.50 -5.18 -31.64
N ASP B 155 13.39 -4.32 -32.16
CA ASP B 155 13.66 -4.19 -33.58
C ASP B 155 12.39 -4.03 -34.38
N ASN B 156 11.46 -3.21 -33.91
CA ASN B 156 10.14 -3.03 -34.53
C ASN B 156 9.16 -4.20 -34.47
N ALA B 157 9.55 -5.35 -33.89
CA ALA B 157 8.65 -6.51 -33.77
C ALA B 157 7.92 -6.47 -32.41
N LEU B 158 6.58 -6.57 -32.46
CA LEU B 158 5.69 -6.70 -31.30
C LEU B 158 6.13 -7.90 -30.43
N GLN B 159 6.38 -7.66 -29.14
CA GLN B 159 6.78 -8.70 -28.22
C GLN B 159 5.50 -9.26 -27.62
N SER B 160 5.46 -10.57 -27.42
N SER B 160 5.47 -10.56 -27.35
CA SER B 160 4.21 -11.31 -27.24
CA SER B 160 4.56 -11.16 -26.34
C SER B 160 4.06 -11.64 -25.79
C SER B 160 5.31 -12.11 -25.40
N GLY B 161 5.21 -11.83 -25.15
N GLY B 161 4.83 -12.21 -24.16
CA GLY B 161 5.31 -12.10 -23.73
CA GLY B 161 5.20 -13.29 -23.27
C GLY B 161 6.54 -11.42 -23.16
C GLY B 161 6.33 -12.97 -22.32
N ASN B 162 6.97 -11.92 -22.00
N ASN B 162 6.80 -11.72 -22.35
CA ASN B 162 8.14 -11.44 -21.26
CA ASN B 162 8.04 -11.34 -21.66
C ASN B 162 8.03 -10.02 -20.73
C ASN B 162 8.01 -10.08 -20.76
N SER B 163 6.82 -9.50 -20.56
CA SER B 163 6.65 -8.26 -19.80
C SER B 163 5.58 -8.34 -18.76
N GLN B 164 5.72 -7.52 -17.69
CA GLN B 164 4.74 -7.44 -16.59
C GLN B 164 4.54 -5.99 -16.28
N GLU B 165 3.30 -5.63 -15.96
CA GLU B 165 2.84 -4.27 -15.72
C GLU B 165 2.38 -4.18 -14.30
N SER B 166 2.37 -2.99 -13.73
CA SER B 166 1.75 -2.73 -12.44
C SER B 166 1.35 -1.26 -12.48
N VAL B 167 0.14 -0.93 -11.98
CA VAL B 167 -0.37 0.43 -11.93
C VAL B 167 -0.47 0.83 -10.45
N THR B 168 -0.27 2.11 -10.16
CA THR B 168 -0.39 2.59 -8.79
C THR B 168 -1.88 2.80 -8.50
N GLU B 169 -2.21 2.92 -7.22
CA GLU B 169 -3.47 3.57 -6.80
C GLU B 169 -3.46 5.07 -7.20
N GLN B 170 -4.60 5.72 -7.11
CA GLN B 170 -4.65 7.19 -7.37
C GLN B 170 -3.73 7.92 -6.39
N ASP B 171 -2.94 8.84 -6.94
CA ASP B 171 -1.94 9.55 -6.18
C ASP B 171 -2.60 10.48 -5.14
N SER B 172 -1.96 10.58 -3.96
CA SER B 172 -2.56 11.32 -2.86
C SER B 172 -2.61 12.83 -3.09
N LYS B 173 -1.70 13.36 -3.94
CA LYS B 173 -1.61 14.79 -4.17
C LYS B 173 -2.34 15.25 -5.44
N ASP B 174 -2.25 14.48 -6.57
CA ASP B 174 -2.92 14.87 -7.85
C ASP B 174 -3.95 13.89 -8.45
N SER B 175 -4.21 12.77 -7.78
CA SER B 175 -5.27 11.81 -8.19
C SER B 175 -5.00 11.06 -9.49
N THR B 176 -3.77 11.10 -10.00
CA THR B 176 -3.41 10.39 -11.23
C THR B 176 -2.85 8.99 -10.91
N TYR B 177 -2.66 8.20 -11.95
CA TYR B 177 -2.09 6.87 -11.89
C TYR B 177 -0.73 6.93 -12.53
N SER B 178 0.08 5.94 -12.23
CA SER B 178 1.30 5.73 -12.95
C SER B 178 1.40 4.23 -13.19
N LEU B 179 2.15 3.87 -14.21
CA LEU B 179 2.32 2.48 -14.58
C LEU B 179 3.76 2.19 -15.02
N SER B 180 4.26 1.06 -14.54
CA SER B 180 5.53 0.53 -14.94
C SER B 180 5.23 -0.73 -15.72
N SER B 181 6.01 -0.93 -16.79
CA SER B 181 5.97 -2.14 -17.57
C SER B 181 7.43 -2.52 -17.75
N THR B 182 7.78 -3.73 -17.29
CA THR B 182 9.14 -4.20 -17.31
C THR B 182 9.23 -5.37 -18.31
N LEU B 183 10.14 -5.30 -19.26
CA LEU B 183 10.41 -6.39 -20.22
C LEU B 183 11.64 -7.14 -19.72
N THR B 184 11.52 -8.41 -19.40
CA THR B 184 12.65 -9.11 -18.83
C THR B 184 13.19 -10.07 -19.90
N LEU B 185 14.48 -9.93 -20.21
CA LEU B 185 15.18 -10.78 -21.15
C LEU B 185 16.45 -11.29 -20.52
N SER B 186 16.94 -12.41 -21.04
CA SER B 186 18.26 -12.91 -20.68
C SER B 186 19.25 -11.93 -21.29
N LYS B 187 20.46 -11.86 -20.76
CA LYS B 187 21.49 -10.99 -21.30
C LYS B 187 21.81 -11.28 -22.77
N ALA B 188 21.89 -12.56 -23.10
CA ALA B 188 22.08 -12.97 -24.48
C ALA B 188 20.97 -12.41 -25.36
N ASP B 189 19.70 -12.69 -25.06
CA ASP B 189 18.60 -12.21 -25.91
C ASP B 189 18.66 -10.70 -26.06
N TYR B 190 18.76 -10.01 -24.93
CA TYR B 190 18.92 -8.57 -24.96
C TYR B 190 19.98 -8.08 -25.93
N GLU B 191 21.12 -8.75 -25.92
CA GLU B 191 22.24 -8.28 -26.72
C GLU B 191 22.14 -8.65 -28.19
N LYS B 192 21.33 -9.65 -28.52
CA LYS B 192 21.10 -9.98 -29.94
C LYS B 192 20.19 -8.96 -30.66
N HIS B 193 19.85 -7.82 -30.04
CA HIS B 193 19.00 -6.80 -30.69
C HIS B 193 19.53 -5.40 -30.48
N LYS B 194 19.04 -4.51 -31.33
CA LYS B 194 19.39 -3.10 -31.32
C LYS B 194 18.36 -2.16 -30.63
N VAL B 195 17.10 -2.17 -31.10
CA VAL B 195 16.18 -1.10 -30.71
C VAL B 195 15.19 -1.66 -29.72
N TYR B 196 15.01 -0.96 -28.59
CA TYR B 196 14.05 -1.36 -27.56
C TYR B 196 13.12 -0.20 -27.43
N ALA B 197 11.83 -0.48 -27.63
CA ALA B 197 10.85 0.59 -27.69
C ALA B 197 9.61 0.20 -26.93
N CYS B 198 8.96 1.21 -26.40
CA CYS B 198 7.74 1.08 -25.65
CA CYS B 198 7.71 1.02 -25.70
C CYS B 198 6.75 2.01 -26.30
N GLU B 199 5.58 1.51 -26.63
CA GLU B 199 4.56 2.24 -27.35
C GLU B 199 3.28 2.30 -26.50
N VAL B 200 2.82 3.53 -26.24
CA VAL B 200 1.85 3.82 -25.24
C VAL B 200 0.67 4.43 -25.92
N THR B 201 -0.51 3.92 -25.58
CA THR B 201 -1.77 4.44 -26.10
C THR B 201 -2.63 4.81 -24.92
N HIS B 202 -3.24 6.00 -24.98
CA HIS B 202 -3.99 6.56 -23.83
C HIS B 202 -4.89 7.60 -24.41
N GLN B 203 -6.05 7.80 -23.80
CA GLN B 203 -7.09 8.60 -24.40
C GLN B 203 -6.84 10.13 -24.31
N GLY B 204 -5.88 10.52 -23.50
CA GLY B 204 -5.36 11.90 -23.41
C GLY B 204 -4.35 12.23 -24.48
N LEU B 205 -3.95 11.21 -25.22
CA LEU B 205 -3.09 11.28 -26.39
C LEU B 205 -3.87 10.98 -27.71
N SER B 206 -3.60 11.73 -28.77
CA SER B 206 -4.27 11.55 -30.05
C SER B 206 -3.56 10.52 -30.95
N SER B 207 -2.29 10.23 -30.67
CA SER B 207 -1.53 9.18 -31.36
C SER B 207 -0.87 8.35 -30.30
N PRO B 208 -0.46 7.12 -30.64
CA PRO B 208 0.47 6.41 -29.76
C PRO B 208 1.79 7.16 -29.60
N VAL B 209 2.43 7.06 -28.46
CA VAL B 209 3.71 7.72 -28.23
C VAL B 209 4.71 6.59 -27.97
N THR B 210 5.90 6.77 -28.53
CA THR B 210 6.94 5.77 -28.51
C THR B 210 8.19 6.35 -27.85
N LYS B 211 8.66 5.75 -26.77
CA LYS B 211 10.00 6.05 -26.29
C LYS B 211 10.88 4.84 -26.55
N SER B 212 12.12 5.11 -26.97
CA SER B 212 13.08 4.05 -27.31
C SER B 212 14.52 4.47 -27.09
N PHE B 213 15.40 3.47 -27.12
CA PHE B 213 16.83 3.70 -27.06
C PHE B 213 17.40 2.63 -27.96
N ASN B 214 18.59 2.91 -28.48
CA ASN B 214 19.42 1.93 -29.19
C ASN B 214 20.54 1.57 -28.28
N ARG B 215 20.90 0.31 -28.23
CA ARG B 215 22.02 -0.08 -27.38
C ARG B 215 23.24 -0.41 -28.23
#